data_1VKY
#
_entry.id   1VKY
#
_cell.length_a   119.033
_cell.length_b   122.843
_cell.length_c   131.207
_cell.angle_alpha   90.00
_cell.angle_beta   90.00
_cell.angle_gamma   90.00
#
_symmetry.space_group_name_H-M   'I 2 2 2'
#
loop_
_entity.id
_entity.type
_entity.pdbx_description
1 polymer 'S-adenosylmethionine:tRNA ribosyltransferase-isomerase'
2 non-polymer 'UNKNOWN LIGAND'
3 water water
#
_entity_poly.entity_id   1
_entity_poly.type   'polypeptide(L)'
_entity_poly.pdbx_seq_one_letter_code
;MGSDKIHHHHHHMKVSEFDYELPPELIAQEPVEPRDASRLMVLHRKTQRIEHRIFREIIEYLEPGDLLVLNVSKVIPARL
YARKKTGASIEILLIERLEEGIWKCLVRPGQKVKKGTELVIDEDLSAVCLGRGEDGTRILKFQPQDDRLIFEKGRTPLPP
YIKNEVPLERYQTVYAKEEGSVAAPTAGLHFTPELIEKLKKKGVQFAEVVLHVGIGTFRPVKVEEVEKHKMHEEFYQVPK
ETVRKLRETRERGNRIVAVGTTTVRTLETIARLPEQEEYVGKTDLFIYPPFEFKLVDALVTNFHLPRSTLLMLVAAFAGK
DFVMEAYREAVKRRYRFFSFGDAMLIL
;
_entity_poly.pdbx_strand_id   A,B
#
# COMPACT_ATOMS: atom_id res chain seq x y z
N SER A 16 -16.11 -16.04 16.61
CA SER A 16 -16.23 -16.29 15.13
C SER A 16 -15.41 -17.51 14.74
N GLU A 17 -15.99 -18.31 13.87
CA GLU A 17 -15.31 -19.48 13.34
C GLU A 17 -14.19 -19.05 12.40
N PHE A 18 -14.14 -17.75 12.05
CA PHE A 18 -13.11 -17.19 11.12
C PHE A 18 -12.20 -16.17 11.79
N ASP A 19 -12.12 -16.26 13.12
CA ASP A 19 -11.27 -15.38 13.88
C ASP A 19 -9.99 -16.14 14.17
N TYR A 20 -8.93 -15.35 14.21
CA TYR A 20 -7.64 -15.83 14.59
C TYR A 20 -6.90 -14.61 15.10
N GLU A 21 -5.89 -14.82 15.94
CA GLU A 21 -5.13 -13.69 16.48
C GLU A 21 -4.04 -13.36 15.51
N LEU A 22 -4.05 -12.12 15.04
CA LEU A 22 -3.09 -11.62 14.09
C LEU A 22 -2.34 -10.47 14.74
N PRO A 23 -1.07 -10.65 15.07
CA PRO A 23 -0.26 -9.52 15.59
C PRO A 23 -0.18 -8.39 14.59
N PRO A 24 -0.43 -7.16 15.06
CA PRO A 24 -0.50 -6.04 14.15
C PRO A 24 0.77 -5.80 13.35
N GLU A 25 1.92 -6.17 13.87
CA GLU A 25 3.15 -5.95 13.16
C GLU A 25 3.30 -6.86 11.95
N LEU A 26 2.47 -7.89 11.85
CA LEU A 26 2.54 -8.77 10.66
C LEU A 26 1.76 -8.26 9.47
N ILE A 27 0.94 -7.23 9.66
CA ILE A 27 0.28 -6.60 8.52
C ILE A 27 1.24 -5.69 7.77
N ALA A 28 1.53 -6.06 6.53
CA ALA A 28 2.57 -5.33 5.77
C ALA A 28 2.09 -3.98 5.24
N GLN A 29 2.99 -3.00 5.27
CA GLN A 29 2.71 -1.65 4.76
C GLN A 29 3.28 -1.53 3.35
N GLU A 30 4.33 -2.27 3.08
CA GLU A 30 4.93 -2.24 1.76
C GLU A 30 5.28 -3.64 1.23
N PRO A 31 5.21 -3.83 -0.08
CA PRO A 31 5.60 -5.09 -0.68
C PRO A 31 7.11 -5.30 -0.73
N VAL A 32 7.49 -6.57 -0.73
CA VAL A 32 8.86 -7.01 -0.94
C VAL A 32 9.19 -6.79 -2.41
N GLU A 33 10.48 -6.56 -2.67
CA GLU A 33 10.99 -6.45 -4.03
C GLU A 33 12.21 -7.37 -4.16
N PRO A 34 12.32 -8.11 -5.27
CA PRO A 34 11.29 -8.18 -6.29
C PRO A 34 10.03 -8.88 -5.74
N ARG A 35 8.93 -8.74 -6.45
CA ARG A 35 7.60 -9.17 -5.95
C ARG A 35 7.54 -10.68 -5.66
N ASP A 36 8.19 -11.46 -6.52
CA ASP A 36 8.21 -12.90 -6.38
C ASP A 36 9.20 -13.46 -5.35
N ALA A 37 9.76 -12.58 -4.50
CA ALA A 37 10.54 -13.00 -3.33
C ALA A 37 9.74 -13.02 -2.03
N SER A 38 8.46 -12.71 -2.09
CA SER A 38 7.59 -12.92 -0.96
C SER A 38 7.49 -14.41 -0.64
N ARG A 39 7.03 -14.72 0.56
CA ARG A 39 6.80 -16.10 0.92
C ARG A 39 5.55 -16.64 0.21
N LEU A 40 5.53 -17.95 0.01
CA LEU A 40 4.40 -18.66 -0.58
C LEU A 40 4.19 -19.88 0.28
N MET A 41 3.06 -19.91 0.98
CA MET A 41 2.64 -21.13 1.68
C MET A 41 1.80 -21.99 0.73
N VAL A 42 2.08 -23.29 0.66
CA VAL A 42 1.36 -24.18 -0.28
C VAL A 42 0.57 -25.18 0.54
N LEU A 43 -0.73 -25.25 0.23
CA LEU A 43 -1.64 -26.17 0.89
C LEU A 43 -2.07 -27.23 -0.12
N HIS A 44 -1.90 -28.50 0.26
CA HIS A 44 -2.28 -29.63 -0.55
C HIS A 44 -3.49 -30.22 0.14
N ARG A 45 -4.68 -30.03 -0.41
CA ARG A 45 -5.94 -30.36 0.31
C ARG A 45 -6.13 -31.86 0.60
N LYS A 46 -5.85 -32.67 -0.40
CA LYS A 46 -6.09 -34.11 -0.30
C LYS A 46 -5.15 -34.82 0.64
N THR A 47 -3.91 -34.35 0.71
CA THR A 47 -2.91 -34.92 1.58
C THR A 47 -2.81 -34.21 2.89
N GLN A 48 -3.34 -32.98 2.94
CA GLN A 48 -3.27 -32.07 4.08
C GLN A 48 -1.84 -31.62 4.35
N ARG A 49 -0.97 -31.71 3.36
CA ARG A 49 0.40 -31.25 3.54
C ARG A 49 0.48 -29.70 3.40
N ILE A 50 1.31 -29.09 4.23
CA ILE A 50 1.57 -27.66 4.14
C ILE A 50 3.07 -27.44 3.98
N GLU A 51 3.45 -26.64 2.99
CA GLU A 51 4.83 -26.25 2.75
C GLU A 51 5.03 -24.76 2.83
N HIS A 52 6.29 -24.39 3.04
CA HIS A 52 6.71 -23.03 3.20
C HIS A 52 7.77 -22.74 2.16
N ARG A 53 7.39 -22.00 1.11
CA ARG A 53 8.22 -21.73 -0.06
C ARG A 53 8.37 -20.21 -0.28
N ILE A 54 8.95 -19.84 -1.43
CA ILE A 54 9.03 -18.47 -1.89
C ILE A 54 8.23 -18.42 -3.18
N PHE A 55 7.66 -17.27 -3.50
CA PHE A 55 6.73 -17.15 -4.62
C PHE A 55 7.24 -17.61 -5.97
N ARG A 56 8.48 -17.24 -6.29
CA ARG A 56 9.06 -17.64 -7.57
C ARG A 56 9.08 -19.17 -7.73
N GLU A 57 9.02 -19.91 -6.60
CA GLU A 57 8.99 -21.39 -6.68
C GLU A 57 7.62 -21.97 -7.08
N ILE A 58 6.62 -21.12 -7.30
CA ILE A 58 5.29 -21.57 -7.75
C ILE A 58 5.33 -22.37 -9.05
N ILE A 59 6.33 -22.11 -9.89
CA ILE A 59 6.54 -22.86 -11.11
C ILE A 59 6.73 -24.38 -10.84
N GLU A 60 7.23 -24.74 -9.66
CA GLU A 60 7.44 -26.16 -9.32
C GLU A 60 6.15 -26.92 -9.06
N TYR A 61 5.03 -26.19 -8.98
CA TYR A 61 3.73 -26.82 -8.77
C TYR A 61 2.86 -26.78 -9.99
N LEU A 62 3.36 -26.19 -11.09
CA LEU A 62 2.56 -26.07 -12.30
C LEU A 62 3.14 -26.92 -13.41
N GLU A 63 2.25 -27.53 -14.19
CA GLU A 63 2.63 -28.34 -15.34
C GLU A 63 2.23 -27.70 -16.68
N PRO A 64 2.84 -28.15 -17.77
CA PRO A 64 2.45 -27.65 -19.08
C PRO A 64 0.96 -27.84 -19.28
N GLY A 65 0.30 -26.79 -19.76
CA GLY A 65 -1.12 -26.84 -20.04
C GLY A 65 -1.99 -26.38 -18.89
N ASP A 66 -1.41 -26.09 -17.73
CA ASP A 66 -2.18 -25.53 -16.65
C ASP A 66 -2.58 -24.11 -17.08
N LEU A 67 -3.67 -23.57 -16.53
CA LEU A 67 -4.11 -22.23 -16.94
C LEU A 67 -4.16 -21.31 -15.74
N LEU A 68 -3.40 -20.23 -15.79
CA LEU A 68 -3.51 -19.19 -14.77
C LEU A 68 -4.48 -18.15 -15.26
N VAL A 69 -5.52 -17.90 -14.46
CA VAL A 69 -6.54 -16.92 -14.81
C VAL A 69 -6.38 -15.75 -13.86
N LEU A 70 -6.05 -14.60 -14.43
CA LEU A 70 -5.87 -13.37 -13.69
C LEU A 70 -7.01 -12.42 -13.95
N ASN A 71 -7.34 -11.62 -12.95
CA ASN A 71 -8.34 -10.58 -13.10
C ASN A 71 -7.68 -9.23 -13.47
N VAL A 72 -8.26 -8.51 -14.43
CA VAL A 72 -7.84 -7.13 -14.71
C VAL A 72 -9.02 -6.22 -14.46
N SER A 73 -8.81 -5.25 -13.59
CA SER A 73 -9.78 -4.22 -13.32
C SER A 73 -9.57 -3.01 -14.24
N LYS A 74 -10.65 -2.58 -14.89
CA LYS A 74 -10.62 -1.43 -15.80
C LYS A 74 -11.76 -0.50 -15.42
N VAL A 75 -11.48 0.81 -15.39
CA VAL A 75 -12.49 1.82 -15.17
C VAL A 75 -13.19 1.98 -16.49
N ILE A 76 -14.52 2.06 -16.43
CA ILE A 76 -15.32 2.25 -17.64
C ILE A 76 -14.91 3.60 -18.28
N PRO A 77 -14.43 3.58 -19.52
CA PRO A 77 -13.76 4.75 -20.10
C PRO A 77 -14.67 5.85 -20.55
N ALA A 78 -15.99 5.59 -20.58
CA ALA A 78 -16.95 6.65 -20.79
C ALA A 78 -18.33 6.25 -20.31
N ARG A 79 -19.01 7.21 -19.72
CA ARG A 79 -20.40 7.06 -19.31
C ARG A 79 -21.15 8.18 -19.99
N LEU A 80 -22.20 7.85 -20.74
CA LEU A 80 -22.95 8.85 -21.53
C LEU A 80 -24.45 8.75 -21.31
N TYR A 81 -25.11 9.90 -21.39
CA TYR A 81 -26.55 9.94 -21.38
C TYR A 81 -27.05 10.39 -22.73
N ALA A 82 -28.08 9.70 -23.19
CA ALA A 82 -28.63 9.91 -24.52
C ALA A 82 -30.15 9.95 -24.38
N ARG A 83 -30.85 10.25 -25.48
CA ARG A 83 -32.30 10.11 -25.57
C ARG A 83 -32.62 9.43 -26.89
N LYS A 84 -33.71 8.65 -26.93
CA LYS A 84 -34.20 8.08 -28.19
C LYS A 84 -35.49 8.78 -28.65
N ALA A 88 -37.18 8.48 -24.42
CA ALA A 88 -36.08 9.34 -24.01
C ALA A 88 -35.26 8.74 -22.86
N SER A 89 -34.15 9.42 -22.54
CA SER A 89 -33.23 9.09 -21.44
C SER A 89 -32.62 7.68 -21.46
N ILE A 90 -31.35 7.59 -21.81
CA ILE A 90 -30.62 6.32 -21.84
C ILE A 90 -29.20 6.53 -21.34
N GLU A 91 -28.80 5.76 -20.33
CA GLU A 91 -27.41 5.72 -19.87
C GLU A 91 -26.62 4.67 -20.65
N ILE A 92 -25.39 5.05 -21.02
CA ILE A 92 -24.49 4.21 -21.82
C ILE A 92 -23.15 4.12 -21.12
N LEU A 93 -22.70 2.90 -20.86
CA LEU A 93 -21.37 2.65 -20.30
C LEU A 93 -20.57 1.83 -21.28
N LEU A 94 -19.44 2.37 -21.71
CA LEU A 94 -18.54 1.65 -22.60
C LEU A 94 -17.88 0.49 -21.92
N ILE A 95 -17.87 -0.66 -22.60
CA ILE A 95 -17.33 -1.90 -22.02
C ILE A 95 -16.15 -2.39 -22.85
N GLU A 96 -16.31 -2.51 -24.17
CA GLU A 96 -15.26 -3.11 -24.97
C GLU A 96 -15.30 -2.57 -26.38
N ARG A 97 -14.14 -2.14 -26.89
CA ARG A 97 -14.00 -1.65 -28.22
C ARG A 97 -13.90 -2.77 -29.21
N LEU A 98 -14.78 -2.79 -30.18
CA LEU A 98 -14.67 -3.78 -31.24
C LEU A 98 -13.73 -3.25 -32.29
N GLU A 99 -13.98 -2.01 -32.70
CA GLU A 99 -13.10 -1.24 -33.55
C GLU A 99 -13.44 0.23 -33.30
N GLU A 100 -12.76 1.13 -34.00
CA GLU A 100 -12.92 2.59 -33.80
C GLU A 100 -14.40 2.99 -33.93
N GLY A 101 -14.95 3.56 -32.86
CA GLY A 101 -16.36 4.01 -32.87
C GLY A 101 -17.46 2.95 -32.76
N ILE A 102 -17.08 1.68 -32.53
CA ILE A 102 -18.03 0.54 -32.38
C ILE A 102 -17.65 -0.21 -31.11
N TRP A 103 -18.53 -0.10 -30.12
CA TRP A 103 -18.27 -0.54 -28.77
C TRP A 103 -19.42 -1.42 -28.28
N LYS A 104 -19.07 -2.46 -27.54
CA LYS A 104 -19.98 -3.16 -26.67
C LYS A 104 -20.23 -2.25 -25.49
N CYS A 105 -21.51 -2.05 -25.20
CA CYS A 105 -21.97 -1.12 -24.20
C CYS A 105 -23.01 -1.72 -23.31
N LEU A 106 -23.02 -1.27 -22.06
CA LEU A 106 -24.15 -1.48 -21.20
C LEU A 106 -25.06 -0.26 -21.34
N VAL A 107 -26.34 -0.52 -21.54
CA VAL A 107 -27.32 0.51 -21.84
C VAL A 107 -28.49 0.35 -20.87
N ARG A 108 -28.88 1.46 -20.21
CA ARG A 108 -29.96 1.44 -19.23
C ARG A 108 -30.96 2.58 -19.46
N PRO A 109 -32.27 2.29 -19.57
CA PRO A 109 -32.82 0.92 -19.61
C PRO A 109 -32.62 0.21 -20.96
N GLY A 110 -32.31 -1.09 -20.87
CA GLY A 110 -31.83 -1.86 -22.02
C GLY A 110 -32.91 -2.41 -22.92
N GLN A 111 -34.07 -2.74 -22.34
CA GLN A 111 -35.19 -3.25 -23.13
C GLN A 111 -35.65 -2.27 -24.20
N LYS A 112 -35.39 -0.98 -23.96
CA LYS A 112 -35.74 0.08 -24.90
C LYS A 112 -34.73 0.25 -26.04
N VAL A 113 -33.61 -0.46 -26.02
CA VAL A 113 -32.60 -0.28 -27.04
C VAL A 113 -32.44 -1.56 -27.84
N LYS A 114 -32.88 -1.50 -29.09
CA LYS A 114 -32.90 -2.64 -29.97
C LYS A 114 -32.05 -2.33 -31.19
N LYS A 115 -31.82 -3.34 -32.01
CA LYS A 115 -31.14 -3.18 -33.28
C LYS A 115 -31.81 -2.04 -33.99
N GLY A 116 -31.05 -1.05 -34.46
CA GLY A 116 -31.62 0.06 -35.19
C GLY A 116 -32.04 1.24 -34.35
N THR A 117 -32.15 1.10 -33.03
CA THR A 117 -32.37 2.27 -32.14
C THR A 117 -31.29 3.37 -32.26
N GLU A 118 -31.71 4.58 -32.60
CA GLU A 118 -30.77 5.69 -32.62
C GLU A 118 -30.87 6.44 -31.29
N LEU A 119 -29.74 7.01 -30.88
CA LEU A 119 -29.61 7.70 -29.61
C LEU A 119 -28.75 8.91 -29.88
N VAL A 120 -29.22 10.08 -29.47
CA VAL A 120 -28.43 11.29 -29.60
C VAL A 120 -27.83 11.58 -28.24
N ILE A 121 -26.54 11.91 -28.22
CA ILE A 121 -25.89 12.42 -27.00
C ILE A 121 -25.87 13.97 -27.04
N ASP A 122 -25.12 14.53 -27.99
CA ASP A 122 -25.12 15.97 -28.32
C ASP A 122 -25.51 16.07 -29.77
N GLU A 123 -25.61 17.33 -30.21
CA GLU A 123 -25.51 17.70 -31.61
C GLU A 123 -24.21 17.14 -32.24
N ASP A 124 -23.11 17.13 -31.42
CA ASP A 124 -21.84 16.59 -31.86
C ASP A 124 -21.73 15.04 -31.90
N LEU A 125 -22.71 14.30 -31.37
CA LEU A 125 -22.54 12.81 -31.21
C LEU A 125 -23.82 11.99 -31.08
N SER A 126 -23.89 10.97 -31.95
CA SER A 126 -25.07 10.13 -32.06
C SER A 126 -24.58 8.68 -32.02
N ALA A 127 -25.50 7.74 -31.82
CA ALA A 127 -25.14 6.32 -31.95
C ALA A 127 -26.32 5.56 -32.50
N VAL A 128 -26.06 4.43 -33.14
CA VAL A 128 -27.10 3.50 -33.50
C VAL A 128 -26.77 2.13 -32.90
N CYS A 129 -27.77 1.41 -32.46
CA CYS A 129 -27.55 0.09 -31.92
C CYS A 129 -27.52 -0.93 -33.05
N LEU A 130 -26.43 -1.69 -33.14
CA LEU A 130 -26.28 -2.71 -34.19
C LEU A 130 -26.88 -4.06 -33.78
N GLY A 131 -27.20 -4.21 -32.50
CA GLY A 131 -27.73 -5.46 -32.06
C GLY A 131 -27.08 -5.79 -30.75
N ARG A 132 -27.21 -7.05 -30.35
CA ARG A 132 -26.66 -7.57 -29.13
C ARG A 132 -25.72 -8.70 -29.41
N GLY A 133 -24.67 -8.77 -28.63
CA GLY A 133 -23.78 -9.90 -28.69
C GLY A 133 -24.27 -11.01 -27.83
N GLU A 134 -23.53 -12.12 -27.83
CA GLU A 134 -23.89 -13.28 -27.05
C GLU A 134 -23.85 -13.06 -25.54
N ASP A 135 -23.04 -12.10 -25.08
CA ASP A 135 -22.97 -11.77 -23.67
C ASP A 135 -24.08 -10.80 -23.26
N GLY A 136 -24.91 -10.38 -24.20
CA GLY A 136 -26.08 -9.56 -23.89
C GLY A 136 -25.81 -8.08 -24.01
N THR A 137 -24.56 -7.66 -24.16
CA THR A 137 -24.27 -6.27 -24.31
C THR A 137 -24.85 -5.79 -25.64
N ARG A 138 -25.10 -4.50 -25.72
CA ARG A 138 -25.53 -3.84 -26.92
C ARG A 138 -24.32 -3.32 -27.67
N ILE A 139 -24.28 -3.51 -28.99
CA ILE A 139 -23.22 -2.94 -29.79
C ILE A 139 -23.71 -1.62 -30.36
N LEU A 140 -22.98 -0.54 -30.07
CA LEU A 140 -23.33 0.80 -30.50
C LEU A 140 -22.29 1.27 -31.48
N LYS A 141 -22.73 1.70 -32.65
CA LYS A 141 -21.86 2.38 -33.58
C LYS A 141 -22.11 3.87 -33.42
N PHE A 142 -21.06 4.61 -33.08
CA PHE A 142 -21.17 6.03 -32.83
C PHE A 142 -20.98 6.78 -34.14
N GLN A 143 -21.52 7.99 -34.19
CA GLN A 143 -21.47 8.84 -35.37
C GLN A 143 -21.16 10.22 -34.88
N PRO A 144 -19.93 10.69 -35.08
CA PRO A 144 -18.87 10.01 -35.83
C PRO A 144 -18.16 8.85 -35.11
N GLN A 145 -17.48 8.03 -35.89
CA GLN A 145 -16.68 6.94 -35.37
C GLN A 145 -15.30 7.44 -34.96
N ASP A 146 -15.21 7.87 -33.69
CA ASP A 146 -14.13 8.68 -33.15
C ASP A 146 -14.11 8.53 -31.62
N ASP A 147 -13.19 7.69 -31.13
CA ASP A 147 -13.16 7.30 -29.70
C ASP A 147 -12.85 8.53 -28.81
N ARG A 148 -11.95 9.40 -29.29
CA ARG A 148 -11.55 10.62 -28.53
C ARG A 148 -12.75 11.50 -28.23
N LEU A 149 -13.55 11.77 -29.25
CA LEU A 149 -14.81 12.50 -29.06
C LEU A 149 -15.73 11.82 -28.04
N ILE A 150 -15.94 10.52 -28.21
CA ILE A 150 -16.79 9.80 -27.28
C ILE A 150 -16.29 9.95 -25.85
N PHE A 151 -14.99 9.80 -25.62
CA PHE A 151 -14.42 9.91 -24.27
C PHE A 151 -14.57 11.32 -23.71
N GLU A 152 -14.40 12.30 -24.59
CA GLU A 152 -14.66 13.66 -24.23
C GLU A 152 -16.06 13.82 -23.67
N LYS A 153 -17.04 13.31 -24.41
CA LYS A 153 -18.44 13.49 -24.03
C LYS A 153 -18.82 12.70 -22.78
N GLY A 154 -17.97 11.75 -22.37
CA GLY A 154 -18.28 10.88 -21.23
C GLY A 154 -17.17 10.79 -20.20
N THR A 186 -4.99 -7.51 -5.78
CA THR A 186 -3.53 -7.51 -5.76
C THR A 186 -2.79 -8.87 -5.71
N ALA A 187 -3.49 -10.03 -5.58
CA ALA A 187 -2.77 -11.33 -5.56
C ALA A 187 -1.81 -11.47 -6.76
N GLY A 188 -2.26 -11.03 -7.93
CA GLY A 188 -1.49 -11.13 -9.16
C GLY A 188 -0.20 -10.35 -9.20
N LEU A 189 -0.02 -9.39 -8.30
CA LEU A 189 1.23 -8.56 -8.28
C LEU A 189 2.47 -9.30 -7.78
N HIS A 190 2.30 -10.48 -7.19
CA HIS A 190 3.44 -11.33 -6.85
C HIS A 190 4.16 -11.84 -8.08
N PHE A 191 3.47 -11.89 -9.23
CA PHE A 191 4.09 -12.30 -10.47
C PHE A 191 4.98 -11.17 -11.02
N THR A 192 6.18 -11.51 -11.45
CA THR A 192 7.03 -10.54 -12.12
C THR A 192 6.99 -10.88 -13.60
N PRO A 193 7.35 -9.94 -14.46
CA PRO A 193 7.51 -10.24 -15.90
C PRO A 193 8.41 -11.45 -16.16
N GLU A 194 9.48 -11.57 -15.36
CA GLU A 194 10.44 -12.66 -15.48
C GLU A 194 9.81 -14.04 -15.19
N LEU A 195 9.04 -14.10 -14.11
CA LEU A 195 8.40 -15.33 -13.69
C LEU A 195 7.37 -15.70 -14.73
N ILE A 196 6.62 -14.72 -15.21
CA ILE A 196 5.60 -14.98 -16.21
C ILE A 196 6.24 -15.57 -17.43
N GLU A 197 7.40 -15.02 -17.82
CA GLU A 197 8.10 -15.56 -18.98
C GLU A 197 8.51 -17.03 -18.80
N LYS A 198 9.05 -17.37 -17.63
CA LYS A 198 9.44 -18.75 -17.32
C LYS A 198 8.24 -19.69 -17.31
N LEU A 199 7.14 -19.22 -16.75
CA LEU A 199 5.92 -20.04 -16.76
C LEU A 199 5.47 -20.30 -18.19
N LYS A 200 5.50 -19.26 -19.03
CA LYS A 200 5.09 -19.45 -20.45
C LYS A 200 6.04 -20.37 -21.18
N LYS A 201 7.32 -20.27 -20.88
CA LYS A 201 8.30 -21.16 -21.50
C LYS A 201 8.10 -22.61 -21.07
N LYS A 202 7.63 -22.82 -19.85
CA LYS A 202 7.33 -24.17 -19.39
C LYS A 202 6.04 -24.71 -20.02
N GLY A 203 5.22 -23.86 -20.63
CA GLY A 203 3.96 -24.35 -21.24
C GLY A 203 2.71 -24.03 -20.45
N VAL A 204 2.88 -23.26 -19.38
CA VAL A 204 1.72 -22.75 -18.62
C VAL A 204 1.08 -21.63 -19.43
N GLN A 205 -0.24 -21.72 -19.57
CA GLN A 205 -1.04 -20.75 -20.31
C GLN A 205 -1.73 -19.77 -19.35
N PHE A 206 -2.15 -18.64 -19.92
CA PHE A 206 -2.70 -17.50 -19.18
C PHE A 206 -4.00 -17.04 -19.83
N ALA A 207 -4.93 -16.55 -19.01
CA ALA A 207 -6.15 -15.97 -19.51
C ALA A 207 -6.56 -14.89 -18.56
N GLU A 208 -7.49 -14.06 -18.99
CA GLU A 208 -7.93 -12.90 -18.24
C GLU A 208 -9.43 -12.88 -18.02
N VAL A 209 -9.84 -12.47 -16.83
CA VAL A 209 -11.20 -12.03 -16.63
C VAL A 209 -11.11 -10.57 -16.33
N VAL A 210 -12.19 -9.85 -16.59
CA VAL A 210 -12.18 -8.39 -16.38
C VAL A 210 -13.25 -7.99 -15.38
N LEU A 211 -12.91 -6.98 -14.61
CA LEU A 211 -13.87 -6.32 -13.75
C LEU A 211 -13.96 -4.86 -14.21
N HIS A 212 -15.12 -4.49 -14.72
CA HIS A 212 -15.31 -3.10 -15.19
C HIS A 212 -15.94 -2.33 -14.06
N VAL A 213 -15.27 -1.27 -13.60
CA VAL A 213 -15.74 -0.53 -12.42
C VAL A 213 -16.28 0.88 -12.72
N HIS A 232 -18.48 1.60 -6.30
CA HIS A 232 -19.89 1.29 -6.51
C HIS A 232 -20.16 0.99 -8.00
N GLU A 233 -20.73 -0.19 -8.28
CA GLU A 233 -21.05 -0.70 -9.64
C GLU A 233 -19.89 -1.38 -10.36
N GLU A 234 -19.95 -2.70 -10.41
CA GLU A 234 -18.88 -3.50 -10.95
C GLU A 234 -19.49 -4.58 -11.83
N PHE A 235 -19.02 -4.70 -13.06
CA PHE A 235 -19.51 -5.72 -13.97
C PHE A 235 -18.34 -6.63 -14.35
N TYR A 236 -18.54 -7.94 -14.27
CA TYR A 236 -17.48 -8.86 -14.71
C TYR A 236 -17.64 -9.06 -16.22
N GLN A 237 -16.54 -9.49 -16.84
CA GLN A 237 -16.51 -9.99 -18.20
C GLN A 237 -15.59 -11.18 -18.32
N VAL A 238 -16.11 -12.24 -18.88
CA VAL A 238 -15.32 -13.40 -19.25
C VAL A 238 -15.39 -13.46 -20.81
N PRO A 239 -14.35 -12.99 -21.48
CA PRO A 239 -14.34 -12.88 -22.93
C PRO A 239 -14.28 -14.22 -23.58
N LYS A 240 -14.63 -14.25 -24.86
CA LYS A 240 -14.65 -15.43 -25.70
C LYS A 240 -13.36 -16.25 -25.61
N GLU A 241 -12.20 -15.56 -25.59
CA GLU A 241 -10.91 -16.25 -25.57
C GLU A 241 -10.70 -16.99 -24.26
N THR A 242 -11.16 -16.41 -23.16
CA THR A 242 -11.10 -17.07 -21.85
C THR A 242 -12.06 -18.25 -21.77
N VAL A 243 -13.29 -18.09 -22.26
CA VAL A 243 -14.24 -19.23 -22.26
C VAL A 243 -13.61 -20.41 -22.99
N ARG A 244 -12.98 -20.09 -24.11
CA ARG A 244 -12.33 -21.12 -24.91
C ARG A 244 -11.21 -21.84 -24.18
N LYS A 245 -10.29 -21.08 -23.58
CA LYS A 245 -9.20 -21.66 -22.80
C LYS A 245 -9.66 -22.43 -21.55
N LEU A 246 -10.71 -21.96 -20.87
CA LEU A 246 -11.29 -22.72 -19.74
C LEU A 246 -11.67 -24.11 -20.18
N ARG A 247 -12.42 -24.15 -21.28
CA ARG A 247 -12.87 -25.44 -21.87
C ARG A 247 -11.76 -26.33 -22.36
N GLU A 248 -10.85 -25.75 -23.12
CA GLU A 248 -9.69 -26.50 -23.59
C GLU A 248 -8.91 -27.10 -22.45
N THR A 249 -8.66 -26.29 -21.41
CA THR A 249 -7.91 -26.74 -20.23
C THR A 249 -8.60 -27.92 -19.61
N ARG A 250 -9.90 -27.81 -19.42
CA ARG A 250 -10.68 -28.88 -18.83
C ARG A 250 -10.61 -30.12 -19.72
N GLU A 251 -10.75 -29.94 -21.04
CA GLU A 251 -10.64 -31.01 -22.01
C GLU A 251 -9.28 -31.74 -21.88
N ARG A 252 -8.18 -31.01 -21.77
CA ARG A 252 -6.87 -31.66 -21.56
C ARG A 252 -6.70 -32.32 -20.19
N GLY A 253 -7.61 -32.12 -19.24
CA GLY A 253 -7.39 -32.60 -17.88
C GLY A 253 -6.36 -31.81 -17.07
N ASN A 254 -6.11 -30.57 -17.45
CA ASN A 254 -5.21 -29.70 -16.74
C ASN A 254 -5.99 -28.86 -15.76
N ARG A 255 -5.31 -28.06 -14.96
CA ARG A 255 -5.94 -27.29 -13.88
C ARG A 255 -6.21 -25.84 -14.24
N ILE A 256 -7.39 -25.36 -13.87
CA ILE A 256 -7.70 -23.93 -13.90
C ILE A 256 -7.28 -23.36 -12.56
N VAL A 257 -6.27 -22.51 -12.62
CA VAL A 257 -5.68 -21.91 -11.45
C VAL A 257 -6.14 -20.45 -11.33
N ALA A 258 -7.06 -20.16 -10.41
CA ALA A 258 -7.51 -18.79 -10.18
C ALA A 258 -6.46 -17.95 -9.42
N VAL A 259 -6.15 -16.78 -9.95
CA VAL A 259 -5.27 -15.84 -9.25
C VAL A 259 -6.15 -14.73 -8.66
N GLY A 260 -6.35 -14.80 -7.33
CA GLY A 260 -7.13 -13.84 -6.61
C GLY A 260 -8.58 -14.29 -6.41
N THR A 261 -9.20 -13.81 -5.36
CA THR A 261 -10.60 -14.18 -5.04
C THR A 261 -11.59 -13.53 -5.99
N THR A 262 -11.22 -12.41 -6.63
CA THR A 262 -12.08 -11.83 -7.62
C THR A 262 -12.31 -12.76 -8.77
N THR A 263 -11.22 -13.30 -9.29
CA THR A 263 -11.29 -14.36 -10.30
C THR A 263 -12.18 -15.55 -9.87
N VAL A 264 -11.99 -16.04 -8.65
CA VAL A 264 -12.81 -17.11 -8.17
C VAL A 264 -14.29 -16.77 -8.28
N ARG A 265 -14.68 -15.59 -7.80
CA ARG A 265 -16.10 -15.22 -7.77
C ARG A 265 -16.71 -15.18 -9.17
N THR A 266 -15.92 -14.65 -10.10
CA THR A 266 -16.35 -14.53 -11.48
C THR A 266 -16.52 -15.89 -12.13
N LEU A 267 -15.52 -16.75 -11.97
CA LEU A 267 -15.58 -18.09 -12.58
C LEU A 267 -16.69 -18.93 -11.97
N GLU A 268 -16.84 -18.88 -10.64
CA GLU A 268 -17.91 -19.67 -10.02
C GLU A 268 -19.32 -19.10 -10.25
N THR A 269 -19.41 -17.82 -10.58
CA THR A 269 -20.66 -17.25 -11.10
C THR A 269 -21.08 -17.79 -12.45
N ILE A 270 -20.15 -17.71 -13.40
CA ILE A 270 -20.48 -18.16 -14.75
C ILE A 270 -20.68 -19.69 -14.82
N ALA A 271 -20.01 -20.42 -13.92
CA ALA A 271 -20.25 -21.87 -13.85
C ALA A 271 -21.70 -22.23 -13.53
N ARG A 272 -22.44 -21.31 -12.96
CA ARG A 272 -23.79 -21.62 -12.55
C ARG A 272 -24.80 -21.05 -13.51
N LEU A 273 -24.35 -20.58 -14.68
CA LEU A 273 -25.24 -19.93 -15.63
C LEU A 273 -25.40 -20.84 -16.80
N PRO A 274 -26.46 -20.65 -17.58
CA PRO A 274 -26.55 -21.36 -18.83
C PRO A 274 -25.30 -21.04 -19.64
N GLU A 275 -24.86 -22.04 -20.39
CA GLU A 275 -23.64 -21.98 -21.13
C GLU A 275 -23.74 -20.92 -22.20
N GLN A 276 -22.68 -20.08 -22.29
CA GLN A 276 -22.55 -19.08 -23.34
C GLN A 276 -21.10 -19.09 -23.82
N GLU A 277 -20.85 -18.38 -24.90
CA GLU A 277 -19.52 -18.30 -25.47
C GLU A 277 -18.73 -17.17 -24.84
N GLU A 278 -19.42 -16.25 -24.16
CA GLU A 278 -18.84 -15.06 -23.51
C GLU A 278 -19.85 -14.60 -22.48
N TYR A 279 -19.38 -13.92 -21.43
CA TYR A 279 -20.28 -13.45 -20.38
C TYR A 279 -19.94 -12.03 -19.98
N VAL A 280 -20.97 -11.24 -19.72
CA VAL A 280 -20.85 -9.97 -19.02
C VAL A 280 -22.01 -9.93 -18.03
N GLY A 281 -21.76 -9.53 -16.80
CA GLY A 281 -22.86 -9.36 -15.84
C GLY A 281 -22.41 -8.83 -14.51
N LYS A 282 -23.33 -8.85 -13.55
CA LYS A 282 -23.02 -8.50 -12.16
C LYS A 282 -23.12 -9.79 -11.34
N THR A 283 -22.22 -10.01 -10.42
CA THR A 283 -22.30 -11.19 -9.60
C THR A 283 -22.77 -10.85 -8.21
N ASP A 284 -23.74 -11.65 -7.75
CA ASP A 284 -24.25 -11.64 -6.38
C ASP A 284 -23.79 -12.87 -5.58
N LEU A 285 -22.87 -13.66 -6.11
CA LEU A 285 -22.48 -14.91 -5.46
C LEU A 285 -21.73 -14.62 -4.17
N PHE A 286 -22.09 -15.30 -3.10
CA PHE A 286 -21.40 -15.15 -1.83
C PHE A 286 -20.89 -16.53 -1.40
N ILE A 287 -19.59 -16.73 -1.45
CA ILE A 287 -18.98 -18.02 -1.17
C ILE A 287 -18.62 -18.14 0.32
N TYR A 288 -19.08 -19.23 0.93
CA TYR A 288 -18.69 -19.54 2.30
C TYR A 288 -18.84 -21.06 2.48
N PRO A 289 -18.23 -21.65 3.51
CA PRO A 289 -18.19 -23.14 3.64
C PRO A 289 -19.57 -23.74 3.94
N PRO A 290 -19.95 -24.88 3.38
CA PRO A 290 -19.26 -25.60 2.34
C PRO A 290 -19.65 -25.05 0.94
N PHE A 291 -18.76 -25.17 -0.03
CA PHE A 291 -19.00 -24.71 -1.39
C PHE A 291 -18.36 -25.66 -2.37
N GLU A 292 -19.07 -25.98 -3.46
CA GLU A 292 -18.51 -26.76 -4.56
C GLU A 292 -17.98 -25.86 -5.63
N PHE A 293 -16.68 -25.94 -5.84
CA PHE A 293 -16.02 -25.18 -6.88
C PHE A 293 -16.12 -25.95 -8.16
N LYS A 294 -16.85 -25.39 -9.10
CA LYS A 294 -17.16 -26.08 -10.33
C LYS A 294 -16.12 -25.76 -11.39
N LEU A 295 -15.41 -24.65 -11.28
CA LEU A 295 -14.40 -24.29 -12.30
C LEU A 295 -12.97 -24.18 -11.78
N VAL A 296 -12.83 -23.68 -10.57
CA VAL A 296 -11.53 -23.43 -9.98
C VAL A 296 -10.94 -24.69 -9.37
N ASP A 297 -9.80 -25.12 -9.91
CA ASP A 297 -9.03 -26.30 -9.45
C ASP A 297 -7.93 -25.95 -8.45
N ALA A 298 -7.47 -24.71 -8.46
CA ALA A 298 -6.41 -24.27 -7.55
C ALA A 298 -6.48 -22.76 -7.41
N LEU A 299 -5.96 -22.22 -6.30
CA LEU A 299 -6.10 -20.80 -6.00
C LEU A 299 -4.82 -20.19 -5.45
N VAL A 300 -4.43 -19.04 -6.01
CA VAL A 300 -3.34 -18.19 -5.46
C VAL A 300 -3.98 -16.96 -4.87
N THR A 301 -3.70 -16.70 -3.60
CA THR A 301 -4.39 -15.63 -2.89
C THR A 301 -3.53 -15.07 -1.76
N ASN A 302 -3.81 -13.85 -1.28
CA ASN A 302 -3.13 -13.26 -0.10
C ASN A 302 -3.61 -13.87 1.20
N PHE A 303 -2.99 -13.44 2.30
CA PHE A 303 -3.46 -13.79 3.63
C PHE A 303 -4.45 -12.71 4.08
N HIS A 304 -5.66 -13.17 4.39
CA HIS A 304 -6.79 -12.29 4.68
C HIS A 304 -6.93 -12.07 6.16
N LEU A 305 -7.62 -10.98 6.51
CA LEU A 305 -7.74 -10.54 7.90
C LEU A 305 -8.74 -11.36 8.68
N PRO A 306 -8.59 -11.43 10.00
CA PRO A 306 -9.56 -12.15 10.80
C PRO A 306 -10.99 -11.68 10.52
N ARG A 307 -11.91 -12.63 10.45
CA ARG A 307 -13.33 -12.34 10.32
C ARG A 307 -13.74 -11.76 8.97
N SER A 308 -12.83 -11.70 8.00
CA SER A 308 -13.16 -11.16 6.66
C SER A 308 -13.96 -12.14 5.81
N THR A 309 -14.78 -11.62 4.92
CA THR A 309 -15.53 -12.48 4.01
C THR A 309 -14.61 -13.17 3.04
N LEU A 310 -13.48 -12.56 2.75
CA LEU A 310 -12.48 -13.24 1.91
C LEU A 310 -11.87 -14.47 2.53
N LEU A 311 -11.66 -14.42 3.85
CA LEU A 311 -11.23 -15.57 4.61
C LEU A 311 -12.29 -16.66 4.57
N MET A 312 -13.58 -16.29 4.62
CA MET A 312 -14.66 -17.28 4.45
C MET A 312 -14.59 -18.00 3.10
N LEU A 313 -14.30 -17.24 2.04
CA LEU A 313 -14.20 -17.78 0.71
C LEU A 313 -13.06 -18.81 0.66
N VAL A 314 -11.91 -18.45 1.23
CA VAL A 314 -10.74 -19.32 1.15
C VAL A 314 -10.92 -20.52 2.03
N ALA A 315 -11.61 -20.35 3.17
CA ALA A 315 -12.01 -21.50 4.00
C ALA A 315 -12.91 -22.45 3.24
N ALA A 316 -13.81 -21.93 2.41
CA ALA A 316 -14.60 -22.82 1.56
C ALA A 316 -13.72 -23.60 0.57
N PHE A 317 -12.73 -22.93 0.00
CA PHE A 317 -11.89 -23.54 -1.02
C PHE A 317 -10.98 -24.60 -0.40
N ALA A 318 -10.32 -24.24 0.70
CA ALA A 318 -9.35 -25.14 1.35
C ALA A 318 -9.90 -26.13 2.32
N GLY A 319 -11.11 -25.88 2.84
CA GLY A 319 -11.60 -26.53 4.05
C GLY A 319 -11.29 -25.65 5.25
N LYS A 320 -12.27 -25.49 6.12
CA LYS A 320 -12.19 -24.48 7.19
C LYS A 320 -11.12 -24.84 8.23
N ASP A 321 -11.15 -26.06 8.77
CA ASP A 321 -10.14 -26.45 9.74
C ASP A 321 -8.73 -26.37 9.14
N PHE A 322 -8.61 -26.80 7.91
CA PHE A 322 -7.26 -26.84 7.26
C PHE A 322 -6.76 -25.41 7.11
N VAL A 323 -7.61 -24.53 6.62
CA VAL A 323 -7.18 -23.14 6.39
C VAL A 323 -6.84 -22.45 7.72
N MET A 324 -7.57 -22.76 8.80
CA MET A 324 -7.34 -22.10 10.09
C MET A 324 -6.05 -22.63 10.71
N GLU A 325 -5.77 -23.92 10.52
CA GLU A 325 -4.45 -24.43 10.87
C GLU A 325 -3.31 -23.73 10.12
N ALA A 326 -3.47 -23.56 8.81
CA ALA A 326 -2.50 -22.85 8.01
C ALA A 326 -2.30 -21.43 8.48
N TYR A 327 -3.38 -20.73 8.79
CA TYR A 327 -3.23 -19.34 9.22
C TYR A 327 -2.51 -19.27 10.57
N ARG A 328 -2.78 -20.23 11.46
CA ARG A 328 -2.09 -20.24 12.76
C ARG A 328 -0.61 -20.48 12.56
N GLU A 329 -0.27 -21.36 11.62
CA GLU A 329 1.14 -21.59 11.28
C GLU A 329 1.78 -20.37 10.63
N ALA A 330 1.04 -19.67 9.79
CA ALA A 330 1.53 -18.40 9.19
C ALA A 330 1.92 -17.35 10.25
N VAL A 331 1.05 -17.19 11.23
CA VAL A 331 1.36 -16.27 12.35
C VAL A 331 2.61 -16.69 13.11
N LYS A 332 2.63 -17.96 13.52
CA LYS A 332 3.79 -18.56 14.13
C LYS A 332 5.08 -18.34 13.35
N ARG A 333 5.04 -18.47 12.04
CA ARG A 333 6.25 -18.31 11.26
C ARG A 333 6.47 -16.89 10.82
N ARG A 334 5.62 -15.97 11.27
CA ARG A 334 5.76 -14.53 10.95
C ARG A 334 5.71 -14.20 9.47
N TYR A 335 4.78 -14.86 8.78
CA TYR A 335 4.41 -14.40 7.46
C TYR A 335 3.85 -12.98 7.55
N ARG A 336 3.90 -12.26 6.43
CA ARG A 336 3.27 -10.98 6.32
C ARG A 336 1.89 -11.15 5.69
N PHE A 337 0.94 -10.38 6.23
CA PHE A 337 -0.45 -10.48 5.92
C PHE A 337 -0.98 -9.28 5.13
N PHE A 338 -2.19 -9.46 4.56
CA PHE A 338 -2.95 -8.43 3.86
C PHE A 338 -2.34 -8.10 2.50
N SER A 339 -2.72 -6.99 1.90
CA SER A 339 -2.56 -6.71 0.47
C SER A 339 -1.13 -6.61 -0.01
N PHE A 340 -0.20 -6.25 0.86
CA PHE A 340 1.22 -6.12 0.45
C PHE A 340 2.06 -7.24 1.02
N GLY A 341 1.40 -8.26 1.56
CA GLY A 341 2.04 -9.33 2.32
C GLY A 341 2.39 -10.54 1.47
N ASP A 342 2.45 -11.70 2.11
CA ASP A 342 2.85 -12.93 1.43
C ASP A 342 1.67 -13.61 0.74
N ALA A 343 1.91 -14.77 0.14
CA ALA A 343 0.87 -15.43 -0.59
C ALA A 343 0.69 -16.88 -0.23
N MET A 344 -0.46 -17.43 -0.64
CA MET A 344 -0.83 -18.83 -0.40
C MET A 344 -1.27 -19.47 -1.72
N LEU A 345 -0.84 -20.70 -2.00
CA LEU A 345 -1.31 -21.48 -3.14
C LEU A 345 -2.02 -22.67 -2.54
N ILE A 346 -3.26 -22.85 -2.90
CA ILE A 346 -4.04 -23.99 -2.42
C ILE A 346 -4.31 -24.88 -3.62
N LEU A 347 -3.80 -26.12 -3.52
CA LEU A 347 -3.96 -27.11 -4.58
C LEU A 347 -4.96 -28.20 -4.17
N SER B 16 -6.13 -7.15 26.16
CA SER B 16 -5.30 -5.90 26.17
C SER B 16 -6.18 -4.67 26.39
N GLU B 17 -5.61 -3.74 27.16
CA GLU B 17 -6.17 -2.39 27.29
C GLU B 17 -6.19 -1.61 25.97
N PHE B 18 -5.38 -2.05 24.99
CA PHE B 18 -5.29 -1.37 23.69
C PHE B 18 -5.96 -2.13 22.55
N ASP B 19 -6.73 -3.14 22.92
CA ASP B 19 -7.50 -3.88 21.96
C ASP B 19 -8.75 -3.08 21.69
N TYR B 20 -9.26 -3.15 20.47
CA TYR B 20 -10.56 -2.58 20.16
C TYR B 20 -11.01 -3.33 18.92
N GLU B 21 -12.29 -3.28 18.61
CA GLU B 21 -12.82 -4.09 17.52
C GLU B 21 -12.78 -3.28 16.26
N LEU B 22 -11.96 -3.70 15.31
CA LEU B 22 -11.77 -3.00 14.04
C LEU B 22 -12.35 -3.87 12.90
N PRO B 23 -13.48 -3.49 12.30
CA PRO B 23 -14.00 -4.23 11.15
C PRO B 23 -12.94 -4.24 10.04
N PRO B 24 -12.63 -5.42 9.50
CA PRO B 24 -11.49 -5.54 8.62
C PRO B 24 -11.64 -4.69 7.38
N GLU B 25 -12.88 -4.43 6.99
CA GLU B 25 -13.13 -3.66 5.77
C GLU B 25 -12.68 -2.20 5.90
N LEU B 26 -12.44 -1.74 7.13
CA LEU B 26 -12.02 -0.35 7.34
C LEU B 26 -10.52 -0.13 7.16
N ILE B 27 -9.76 -1.21 7.03
CA ILE B 27 -8.33 -1.08 6.75
C ILE B 27 -8.18 -0.80 5.26
N ALA B 28 -7.78 0.43 4.93
CA ALA B 28 -7.69 0.92 3.57
C ALA B 28 -6.55 0.26 2.78
N GLN B 29 -6.82 -0.06 1.51
CA GLN B 29 -5.81 -0.68 0.65
C GLN B 29 -5.18 0.33 -0.25
N GLU B 30 -5.86 1.46 -0.44
CA GLU B 30 -5.33 2.55 -1.23
C GLU B 30 -5.81 3.89 -0.67
N PRO B 31 -5.00 4.91 -0.86
CA PRO B 31 -5.34 6.24 -0.37
C PRO B 31 -6.40 6.96 -1.21
N VAL B 32 -7.07 7.90 -0.57
CA VAL B 32 -7.96 8.84 -1.24
C VAL B 32 -7.14 9.79 -2.11
N GLU B 33 -7.74 10.26 -3.18
CA GLU B 33 -7.13 11.27 -4.06
C GLU B 33 -8.12 12.41 -4.25
N PRO B 34 -7.71 13.67 -4.05
CA PRO B 34 -6.37 14.06 -3.56
C PRO B 34 -6.13 13.63 -2.10
N ARG B 35 -4.87 13.60 -1.69
CA ARG B 35 -4.52 13.04 -0.38
C ARG B 35 -5.11 13.83 0.81
N ASP B 36 -5.37 15.11 0.61
CA ASP B 36 -5.89 15.94 1.69
C ASP B 36 -7.40 16.03 1.72
N ALA B 37 -8.03 15.10 1.01
CA ALA B 37 -9.45 14.92 1.06
C ALA B 37 -9.75 13.75 1.98
N SER B 38 -8.73 13.19 2.62
CA SER B 38 -8.99 12.18 3.65
C SER B 38 -9.71 12.84 4.86
N ARG B 39 -10.30 12.01 5.73
CA ARG B 39 -10.91 12.50 6.96
C ARG B 39 -9.83 12.85 7.96
N LEU B 40 -10.13 13.82 8.83
CA LEU B 40 -9.24 14.25 9.92
C LEU B 40 -10.09 14.34 11.15
N MET B 41 -9.86 13.45 12.11
CA MET B 41 -10.45 13.57 13.44
C MET B 41 -9.52 14.45 14.29
N VAL B 42 -10.10 15.45 14.94
CA VAL B 42 -9.35 16.36 15.79
C VAL B 42 -9.73 16.14 17.24
N LEU B 43 -8.71 15.90 18.05
CA LEU B 43 -8.80 15.70 19.49
C LEU B 43 -8.18 16.88 20.25
N HIS B 44 -8.99 17.48 21.12
CA HIS B 44 -8.57 18.61 21.94
C HIS B 44 -8.41 18.08 23.36
N ARG B 45 -7.17 17.86 23.79
CA ARG B 45 -6.97 17.09 25.02
C ARG B 45 -7.51 17.73 26.27
N LYS B 46 -7.27 19.02 26.46
CA LYS B 46 -7.70 19.68 27.69
C LYS B 46 -9.21 19.82 27.83
N THR B 47 -9.88 20.10 26.73
CA THR B 47 -11.32 20.26 26.76
C THR B 47 -12.04 18.96 26.50
N GLN B 48 -11.33 17.96 25.99
CA GLN B 48 -11.89 16.64 25.61
C GLN B 48 -12.87 16.71 24.43
N ARG B 49 -12.75 17.76 23.65
CA ARG B 49 -13.58 17.90 22.48
C ARG B 49 -13.00 17.08 21.31
N ILE B 50 -13.91 16.38 20.62
CA ILE B 50 -13.59 15.64 19.40
C ILE B 50 -14.36 16.26 18.23
N GLU B 51 -13.66 16.49 17.11
CA GLU B 51 -14.29 16.97 15.89
C GLU B 51 -13.99 16.10 14.70
N HIS B 52 -14.89 16.15 13.72
CA HIS B 52 -14.76 15.33 12.52
C HIS B 52 -14.66 16.24 11.29
N ARG B 53 -13.47 16.29 10.70
CA ARG B 53 -13.11 17.28 9.67
C ARG B 53 -12.51 16.52 8.47
N ILE B 54 -12.02 17.31 7.50
CA ILE B 54 -11.31 16.85 6.32
C ILE B 54 -9.90 17.37 6.43
N PHE B 55 -8.92 16.63 5.89
CA PHE B 55 -7.54 16.92 6.13
C PHE B 55 -7.12 18.34 5.77
N ARG B 56 -7.58 18.83 4.63
CA ARG B 56 -7.17 20.18 4.17
C ARG B 56 -7.58 21.28 5.15
N GLU B 57 -8.56 20.99 6.00
CA GLU B 57 -9.01 21.90 7.10
C GLU B 57 -8.07 21.96 8.33
N ILE B 58 -6.96 21.24 8.26
CA ILE B 58 -5.93 21.31 9.29
C ILE B 58 -5.43 22.72 9.47
N ILE B 59 -5.42 23.50 8.39
CA ILE B 59 -4.97 24.88 8.46
C ILE B 59 -5.75 25.75 9.48
N GLU B 60 -7.02 25.41 9.71
CA GLU B 60 -7.87 26.15 10.67
C GLU B 60 -7.46 25.95 12.15
N TYR B 61 -6.49 25.05 12.39
CA TYR B 61 -5.99 24.76 13.72
C TYR B 61 -4.58 25.26 13.93
N LEU B 62 -3.97 25.83 12.89
CA LEU B 62 -2.59 26.21 12.93
C LEU B 62 -2.51 27.70 12.84
N GLU B 63 -1.58 28.25 13.59
CA GLU B 63 -1.37 29.67 13.62
C GLU B 63 0.01 30.05 13.08
N PRO B 64 0.18 31.31 12.69
CA PRO B 64 1.48 31.79 12.23
C PRO B 64 2.56 31.49 13.27
N GLY B 65 3.69 30.97 12.82
CA GLY B 65 4.75 30.61 13.76
C GLY B 65 4.73 29.17 14.26
N ASP B 66 3.62 28.45 14.12
CA ASP B 66 3.67 27.02 14.47
C ASP B 66 4.69 26.29 13.58
N LEU B 67 5.23 25.17 14.06
CA LEU B 67 6.25 24.41 13.32
C LEU B 67 5.77 22.99 13.07
N LEU B 68 5.68 22.62 11.79
CA LEU B 68 5.35 21.26 11.38
C LEU B 68 6.65 20.53 11.16
N VAL B 69 6.87 19.45 11.90
CA VAL B 69 8.09 18.66 11.75
C VAL B 69 7.79 17.35 11.09
N LEU B 70 8.42 17.14 9.95
CA LEU B 70 8.18 15.94 9.16
C LEU B 70 9.37 15.05 9.16
N ASN B 71 9.13 13.76 9.08
CA ASN B 71 10.19 12.82 8.97
C ASN B 71 10.38 12.40 7.52
N VAL B 72 11.63 12.25 7.13
CA VAL B 72 11.99 11.75 5.80
C VAL B 72 12.84 10.52 6.00
N SER B 73 12.39 9.39 5.47
CA SER B 73 13.15 8.15 5.57
C SER B 73 14.05 7.99 4.33
N LYS B 74 15.35 7.73 4.55
CA LYS B 74 16.35 7.65 3.47
C LYS B 74 17.14 6.35 3.66
N VAL B 75 17.31 5.57 2.58
CA VAL B 75 18.20 4.38 2.60
C VAL B 75 19.64 4.87 2.58
N ILE B 76 20.45 4.35 3.47
CA ILE B 76 21.87 4.65 3.47
C ILE B 76 22.43 4.22 2.11
N PRO B 77 22.96 5.17 1.33
CA PRO B 77 23.37 4.89 -0.07
C PRO B 77 24.68 4.12 -0.27
N ALA B 78 25.47 3.93 0.78
CA ALA B 78 26.64 3.09 0.69
C ALA B 78 27.13 2.73 2.08
N ARG B 79 27.57 1.48 2.23
CA ARG B 79 28.27 1.02 3.41
C ARG B 79 29.59 0.46 2.90
N LEU B 80 30.70 0.90 3.50
CA LEU B 80 32.04 0.56 3.02
C LEU B 80 32.86 0.08 4.20
N TYR B 81 33.80 -0.82 3.93
CA TYR B 81 34.75 -1.25 4.94
C TYR B 81 36.13 -0.74 4.52
N ALA B 82 36.93 -0.34 5.49
CA ALA B 82 38.16 0.33 5.17
C ALA B 82 39.21 -0.08 6.15
N ARG B 83 40.43 0.37 5.91
CA ARG B 83 41.52 0.10 6.82
C ARG B 83 42.37 1.37 6.95
N LYS B 84 42.98 1.52 8.11
CA LYS B 84 43.66 2.74 8.51
C LYS B 84 45.16 2.74 8.16
N GLY B 87 46.59 -1.06 10.78
CA GLY B 87 45.51 -1.17 9.81
C GLY B 87 44.23 -1.82 10.36
N ALA B 88 43.49 -1.06 11.16
CA ALA B 88 42.18 -1.53 11.68
C ALA B 88 41.12 -1.54 10.59
N SER B 89 40.15 -2.45 10.71
CA SER B 89 39.04 -2.60 9.76
C SER B 89 37.76 -1.80 10.12
N ILE B 90 37.57 -0.65 9.49
CA ILE B 90 36.55 0.32 9.89
C ILE B 90 35.33 0.35 8.96
N GLU B 91 34.14 0.39 9.54
CA GLU B 91 32.92 0.47 8.75
C GLU B 91 32.54 1.94 8.57
N ILE B 92 32.10 2.28 7.38
CA ILE B 92 31.70 3.63 7.02
C ILE B 92 30.29 3.57 6.45
N LEU B 93 29.38 4.34 7.05
CA LEU B 93 28.01 4.48 6.54
C LEU B 93 27.77 5.93 6.13
N LEU B 94 27.38 6.15 4.88
CA LEU B 94 27.10 7.46 4.35
C LEU B 94 25.75 7.95 4.87
N ILE B 95 25.75 9.17 5.43
CA ILE B 95 24.58 9.75 6.10
C ILE B 95 24.16 11.00 5.32
N GLU B 96 25.07 11.93 5.09
CA GLU B 96 24.67 13.16 4.47
C GLU B 96 25.74 13.74 3.55
N ARG B 97 25.35 14.01 2.32
CA ARG B 97 26.27 14.59 1.34
C ARG B 97 26.40 16.07 1.50
N LEU B 98 27.62 16.54 1.67
CA LEU B 98 27.87 17.97 1.82
C LEU B 98 28.22 18.57 0.47
N GLU B 99 28.78 17.74 -0.39
CA GLU B 99 29.33 18.14 -1.66
C GLU B 99 29.74 16.83 -2.34
N GLU B 100 29.80 16.81 -3.67
CA GLU B 100 30.26 15.63 -4.40
C GLU B 100 31.52 15.08 -3.75
N GLY B 101 31.48 13.83 -3.32
CA GLY B 101 32.65 13.21 -2.70
C GLY B 101 33.02 13.66 -1.29
N ILE B 102 32.19 14.48 -0.64
CA ILE B 102 32.35 14.86 0.78
C ILE B 102 31.02 14.55 1.51
N TRP B 103 31.11 13.61 2.45
CA TRP B 103 29.96 13.08 3.16
C TRP B 103 30.16 13.05 4.67
N LYS B 104 29.11 13.37 5.42
CA LYS B 104 29.02 13.04 6.82
C LYS B 104 28.71 11.58 6.90
N CYS B 105 29.50 10.87 7.68
CA CYS B 105 29.45 9.42 7.76
C CYS B 105 29.43 8.96 9.19
N LEU B 106 28.85 7.79 9.38
CA LEU B 106 28.94 7.09 10.64
C LEU B 106 30.10 6.13 10.48
N VAL B 107 31.11 6.25 11.34
CA VAL B 107 32.31 5.45 11.23
C VAL B 107 32.43 4.62 12.51
N ARG B 108 32.58 3.30 12.36
CA ARG B 108 32.63 2.37 13.49
C ARG B 108 33.74 1.34 13.26
N PRO B 109 34.73 1.24 14.13
CA PRO B 109 34.89 2.05 15.34
C PRO B 109 35.40 3.46 15.10
N GLY B 110 34.69 4.44 15.64
CA GLY B 110 34.94 5.85 15.40
C GLY B 110 36.05 6.45 16.21
N GLN B 111 36.28 5.94 17.42
CA GLN B 111 37.38 6.43 18.29
C GLN B 111 38.71 6.53 17.54
N LYS B 112 38.92 5.61 16.60
CA LYS B 112 40.09 5.61 15.74
C LYS B 112 40.21 6.85 14.83
N VAL B 113 39.09 7.36 14.35
CA VAL B 113 39.09 8.29 13.21
C VAL B 113 39.00 9.75 13.65
N LYS B 114 40.00 10.56 13.30
CA LYS B 114 40.04 11.99 13.62
C LYS B 114 40.49 12.77 12.40
N LYS B 115 40.55 14.07 12.51
CA LYS B 115 40.92 14.89 11.36
C LYS B 115 42.30 14.46 10.86
N GLY B 116 42.42 14.24 9.55
CA GLY B 116 43.68 13.77 8.98
C GLY B 116 43.78 12.27 8.85
N THR B 117 42.93 11.52 9.54
CA THR B 117 42.98 10.07 9.43
C THR B 117 42.71 9.69 7.98
N GLU B 118 43.57 8.83 7.41
CA GLU B 118 43.38 8.32 6.04
C GLU B 118 42.82 6.91 6.11
N LEU B 119 41.93 6.59 5.17
CA LEU B 119 41.23 5.29 5.14
C LEU B 119 41.26 4.75 3.71
N VAL B 120 41.68 3.49 3.54
CA VAL B 120 41.70 2.90 2.23
C VAL B 120 40.57 1.89 2.14
N ILE B 121 39.79 1.96 1.06
CA ILE B 121 38.75 0.98 0.74
C ILE B 121 39.29 0.01 -0.31
N ASP B 122 39.56 0.54 -1.51
CA ASP B 122 40.19 -0.18 -2.65
C ASP B 122 41.51 0.49 -2.98
N GLU B 123 42.20 -0.12 -3.96
CA GLU B 123 43.19 0.56 -4.78
C GLU B 123 42.57 1.75 -5.54
N ASP B 124 41.27 1.70 -5.79
CA ASP B 124 40.55 2.74 -6.50
C ASP B 124 39.87 3.79 -5.62
N LEU B 125 39.92 3.65 -4.29
CA LEU B 125 39.11 4.54 -3.43
C LEU B 125 39.68 4.65 -2.04
N SER B 126 39.88 5.89 -1.62
CA SER B 126 40.37 6.19 -0.29
C SER B 126 39.52 7.34 0.23
N ALA B 127 39.79 7.75 1.47
CA ALA B 127 39.08 8.86 2.12
C ALA B 127 39.97 9.43 3.18
N VAL B 128 39.85 10.74 3.38
CA VAL B 128 40.54 11.43 4.44
C VAL B 128 39.47 12.05 5.33
N CYS B 129 39.69 12.01 6.63
CA CYS B 129 38.75 12.62 7.54
C CYS B 129 39.08 14.09 7.65
N LEU B 130 38.07 14.92 7.38
CA LEU B 130 38.22 16.38 7.50
C LEU B 130 37.76 16.91 8.83
N GLY B 131 37.06 16.10 9.62
CA GLY B 131 36.63 16.55 10.93
C GLY B 131 35.55 15.68 11.48
N ARG B 132 35.10 16.06 12.65
CA ARG B 132 34.07 15.34 13.39
C ARG B 132 32.91 16.29 13.63
N GLY B 133 31.70 15.77 13.44
CA GLY B 133 30.51 16.53 13.74
C GLY B 133 30.24 16.47 15.20
N GLU B 134 29.56 17.53 15.66
CA GLU B 134 28.99 17.61 17.00
C GLU B 134 28.01 16.43 17.25
N ASP B 135 27.48 15.88 16.16
CA ASP B 135 26.54 14.76 16.21
C ASP B 135 27.21 13.39 16.29
N GLY B 136 28.55 13.35 16.24
CA GLY B 136 29.31 12.08 16.31
C GLY B 136 29.71 11.48 14.98
N THR B 137 29.40 12.17 13.88
CA THR B 137 29.76 11.69 12.57
C THR B 137 31.16 12.14 12.27
N ARG B 138 31.67 11.67 11.14
CA ARG B 138 32.96 12.02 10.60
C ARG B 138 32.70 12.61 9.23
N ILE B 139 33.33 13.73 8.93
CA ILE B 139 33.26 14.29 7.60
C ILE B 139 34.41 13.68 6.83
N LEU B 140 34.08 12.98 5.77
CA LEU B 140 35.07 12.28 4.97
C LEU B 140 35.10 12.83 3.57
N LYS B 141 36.31 13.12 3.09
CA LYS B 141 36.53 13.47 1.68
C LYS B 141 37.11 12.24 0.96
N PHE B 142 36.36 11.75 -0.02
CA PHE B 142 36.78 10.57 -0.79
C PHE B 142 37.79 10.94 -1.86
N GLN B 143 38.66 10.00 -2.21
CA GLN B 143 39.67 10.21 -3.25
C GLN B 143 39.52 9.02 -4.22
N PRO B 144 38.98 9.23 -5.42
CA PRO B 144 38.59 10.54 -5.94
C PRO B 144 37.23 10.95 -5.41
N GLN B 145 36.90 12.24 -5.55
CA GLN B 145 35.62 12.76 -5.15
C GLN B 145 34.57 12.45 -6.19
N ASP B 146 34.11 11.21 -6.18
CA ASP B 146 33.21 10.70 -7.22
C ASP B 146 32.15 9.82 -6.55
N ASP B 147 30.92 10.31 -6.47
CA ASP B 147 29.86 9.64 -5.73
C ASP B 147 29.45 8.32 -6.37
N ARG B 148 29.50 8.27 -7.69
CA ARG B 148 29.13 7.06 -8.43
C ARG B 148 30.09 5.92 -8.09
N LEU B 149 31.38 6.23 -8.07
CA LEU B 149 32.37 5.27 -7.62
C LEU B 149 32.09 4.82 -6.18
N ILE B 150 31.84 5.78 -5.30
CA ILE B 150 31.57 5.47 -3.89
C ILE B 150 30.37 4.51 -3.78
N PHE B 151 29.30 4.81 -4.51
CA PHE B 151 28.12 3.97 -4.41
C PHE B 151 28.41 2.57 -4.97
N GLU B 152 29.14 2.53 -6.10
CA GLU B 152 29.57 1.28 -6.71
C GLU B 152 30.32 0.43 -5.69
N LYS B 153 31.36 1.00 -5.10
CA LYS B 153 32.12 0.34 -4.03
C LYS B 153 31.27 -0.12 -2.82
N GLY B 154 30.07 0.46 -2.62
CA GLY B 154 29.21 0.09 -1.49
C GLY B 154 27.83 -0.38 -1.89
N THR B 186 4.16 7.30 6.79
CA THR B 186 3.26 7.84 5.79
C THR B 186 2.23 8.92 6.26
N ALA B 187 2.19 9.35 7.53
CA ALA B 187 1.20 10.41 7.95
C ALA B 187 1.35 11.70 7.13
N GLY B 188 2.60 12.03 6.80
CA GLY B 188 2.97 13.17 5.94
C GLY B 188 2.36 13.17 4.55
N LEU B 189 1.98 12.01 4.05
CA LEU B 189 1.46 11.89 2.69
C LEU B 189 0.06 12.48 2.53
N HIS B 190 -0.64 12.77 3.64
CA HIS B 190 -1.85 13.58 3.60
C HIS B 190 -1.60 15.05 3.21
N PHE B 191 -0.39 15.56 3.44
CA PHE B 191 -0.08 16.92 3.04
C PHE B 191 0.20 16.97 1.52
N THR B 192 -0.57 17.73 0.74
CA THR B 192 -0.31 17.93 -0.69
C THR B 192 0.58 19.16 -0.85
N PRO B 193 1.24 19.33 -2.00
CA PRO B 193 2.00 20.58 -2.26
C PRO B 193 1.13 21.83 -2.18
N GLU B 194 -0.12 21.73 -2.58
CA GLU B 194 -1.05 22.85 -2.51
C GLU B 194 -1.37 23.23 -1.07
N LEU B 195 -1.51 22.23 -0.20
CA LEU B 195 -1.76 22.48 1.24
C LEU B 195 -0.53 23.09 1.92
N ILE B 196 0.62 22.50 1.64
CA ILE B 196 1.84 23.02 2.16
C ILE B 196 2.02 24.49 1.79
N GLU B 197 1.72 24.85 0.54
CA GLU B 197 1.84 26.25 0.13
C GLU B 197 0.85 27.17 0.87
N LYS B 198 -0.41 26.77 1.00
CA LYS B 198 -1.36 27.52 1.82
C LYS B 198 -0.85 27.71 3.26
N LEU B 199 -0.33 26.64 3.86
CA LEU B 199 0.19 26.71 5.23
C LEU B 199 1.33 27.70 5.37
N LYS B 200 2.26 27.62 4.42
CA LYS B 200 3.38 28.54 4.47
C LYS B 200 2.90 30.00 4.31
N LYS B 201 1.91 30.21 3.45
CA LYS B 201 1.32 31.56 3.26
C LYS B 201 0.71 32.10 4.55
N LYS B 202 0.20 31.22 5.39
CA LYS B 202 -0.36 31.60 6.69
C LYS B 202 0.75 31.89 7.70
N GLY B 203 2.00 31.55 7.39
CA GLY B 203 3.10 31.79 8.34
C GLY B 203 3.46 30.53 9.16
N VAL B 204 2.93 29.38 8.78
CA VAL B 204 3.36 28.11 9.39
C VAL B 204 4.78 27.69 8.88
N GLN B 205 5.69 27.35 9.78
CA GLN B 205 7.03 26.90 9.39
C GLN B 205 7.14 25.37 9.28
N PHE B 206 8.15 24.91 8.54
CA PHE B 206 8.41 23.49 8.35
C PHE B 206 9.85 23.13 8.73
N ALA B 207 10.03 21.92 9.27
CA ALA B 207 11.38 21.39 9.48
C ALA B 207 11.32 19.91 9.27
N GLU B 208 12.48 19.31 9.11
CA GLU B 208 12.55 17.88 8.93
C GLU B 208 13.50 17.13 9.87
N VAL B 209 13.09 15.91 10.20
CA VAL B 209 14.01 14.99 10.82
C VAL B 209 14.17 13.87 9.82
N VAL B 210 15.23 13.11 9.97
CA VAL B 210 15.57 12.07 9.01
C VAL B 210 15.75 10.74 9.72
N LEU B 211 15.34 9.69 9.05
CA LEU B 211 15.55 8.33 9.52
C LEU B 211 16.41 7.64 8.45
N HIS B 212 17.63 7.31 8.79
CA HIS B 212 18.54 6.68 7.85
C HIS B 212 18.46 5.19 8.04
N VAL B 213 18.04 4.47 7.00
CA VAL B 213 17.74 3.05 7.07
C VAL B 213 18.84 2.21 6.37
N GLY B 214 19.47 1.37 7.17
CA GLY B 214 20.58 0.56 6.74
C GLY B 214 20.12 -0.78 6.18
N ILE B 215 19.84 -0.80 4.88
CA ILE B 215 19.63 -2.03 4.13
C ILE B 215 18.53 -1.80 3.12
N HIS B 232 16.48 -3.15 9.62
CA HIS B 232 17.52 -3.52 10.57
C HIS B 232 18.68 -2.50 10.54
N GLU B 233 18.89 -1.83 11.66
CA GLU B 233 19.69 -0.59 11.76
C GLU B 233 19.05 0.68 11.15
N GLU B 234 18.69 1.57 12.05
CA GLU B 234 18.06 2.84 11.71
C GLU B 234 18.66 3.89 12.60
N PHE B 235 19.07 4.99 11.98
CA PHE B 235 19.67 6.07 12.71
C PHE B 235 18.80 7.28 12.47
N TYR B 236 18.46 7.97 13.55
CA TYR B 236 17.75 9.24 13.38
C TYR B 236 18.77 10.32 13.19
N GLN B 237 18.36 11.37 12.51
CA GLN B 237 19.16 12.60 12.45
C GLN B 237 18.26 13.80 12.63
N VAL B 238 18.69 14.72 13.49
CA VAL B 238 18.06 16.02 13.68
C VAL B 238 19.12 17.05 13.38
N PRO B 239 19.03 17.61 12.19
CA PRO B 239 20.06 18.48 11.73
C PRO B 239 20.01 19.86 12.35
N LYS B 240 21.09 20.60 12.17
CA LYS B 240 21.29 21.89 12.81
C LYS B 240 20.13 22.82 12.56
N GLU B 241 19.62 22.87 11.33
CA GLU B 241 18.54 23.82 10.98
C GLU B 241 17.25 23.46 11.74
N THR B 242 17.02 22.16 11.93
CA THR B 242 15.87 21.72 12.72
C THR B 242 16.02 22.00 14.19
N VAL B 243 17.20 21.76 14.76
CA VAL B 243 17.46 22.12 16.13
C VAL B 243 17.19 23.61 16.37
N ARG B 244 17.67 24.46 15.46
CA ARG B 244 17.45 25.91 15.59
C ARG B 244 15.98 26.27 15.56
N LYS B 245 15.24 25.69 14.61
CA LYS B 245 13.81 25.96 14.52
C LYS B 245 13.01 25.50 15.72
N LEU B 246 13.39 24.37 16.31
CA LEU B 246 12.69 23.88 17.50
C LEU B 246 12.87 24.88 18.64
N ARG B 247 14.10 25.36 18.78
CA ARG B 247 14.41 26.34 19.83
C ARG B 247 13.71 27.67 19.58
N GLU B 248 13.74 28.15 18.35
CA GLU B 248 13.02 29.40 17.99
C GLU B 248 11.50 29.34 18.18
N THR B 249 10.92 28.20 17.86
CA THR B 249 9.48 28.00 18.01
C THR B 249 9.06 28.07 19.48
N ARG B 250 9.81 27.36 20.31
CA ARG B 250 9.67 27.41 21.76
C ARG B 250 9.82 28.84 22.30
N GLU B 251 10.87 29.52 21.90
CA GLU B 251 11.09 30.91 22.30
C GLU B 251 9.92 31.81 21.92
N ARG B 252 9.35 31.62 20.73
CA ARG B 252 8.19 32.40 20.29
C ARG B 252 6.93 32.05 21.03
N GLY B 253 6.93 30.92 21.74
CA GLY B 253 5.74 30.45 22.40
C GLY B 253 4.77 29.75 21.44
N ASN B 254 5.23 29.36 20.25
CA ASN B 254 4.35 28.60 19.28
C ASN B 254 4.46 27.09 19.48
N ARG B 255 3.70 26.33 18.69
CA ARG B 255 3.67 24.87 18.85
C ARG B 255 4.61 24.12 17.90
N ILE B 256 5.26 23.11 18.45
CA ILE B 256 5.93 22.06 17.68
C ILE B 256 4.92 20.93 17.41
N VAL B 257 4.57 20.79 16.15
CA VAL B 257 3.62 19.85 15.70
C VAL B 257 4.36 18.73 15.00
N ALA B 258 4.39 17.56 15.61
CA ALA B 258 5.05 16.41 14.98
C ALA B 258 4.13 15.80 13.98
N VAL B 259 4.68 15.45 12.82
CA VAL B 259 3.89 14.72 11.81
C VAL B 259 4.40 13.30 11.76
N GLY B 260 3.63 12.40 12.38
CA GLY B 260 3.97 10.97 12.46
C GLY B 260 4.68 10.55 13.72
N THR B 261 4.46 9.31 14.15
CA THR B 261 5.02 8.74 15.37
C THR B 261 6.52 8.57 15.32
N THR B 262 7.06 8.39 14.11
CA THR B 262 8.55 8.38 13.99
C THR B 262 9.14 9.72 14.42
N THR B 263 8.58 10.82 13.92
CA THR B 263 9.01 12.14 14.37
C THR B 263 8.93 12.28 15.89
N VAL B 264 7.83 11.83 16.48
CA VAL B 264 7.67 11.89 17.96
C VAL B 264 8.78 11.18 18.68
N ARG B 265 9.07 9.95 18.28
CA ARG B 265 10.11 9.17 18.97
C ARG B 265 11.45 9.83 18.82
N THR B 266 11.75 10.42 17.66
CA THR B 266 13.02 11.11 17.49
C THR B 266 13.13 12.34 18.37
N LEU B 267 12.11 13.18 18.35
CA LEU B 267 12.13 14.38 19.16
C LEU B 267 12.13 14.13 20.69
N GLU B 268 11.34 13.16 21.15
CA GLU B 268 11.35 12.84 22.59
C GLU B 268 12.63 12.14 23.06
N THR B 269 13.30 11.47 22.14
CA THR B 269 14.63 10.96 22.39
C THR B 269 15.66 12.10 22.59
N ILE B 270 15.71 13.05 21.67
CA ILE B 270 16.71 14.13 21.82
C ILE B 270 16.39 15.09 22.95
N ALA B 271 15.12 15.21 23.29
CA ALA B 271 14.69 16.02 24.44
C ALA B 271 15.30 15.48 25.73
N ARG B 272 15.69 14.20 25.77
CA ARG B 272 16.20 13.58 26.98
C ARG B 272 17.72 13.43 26.93
N LEU B 273 18.39 14.09 25.98
CA LEU B 273 19.84 14.01 25.88
C LEU B 273 20.39 15.35 26.20
N PRO B 274 21.69 15.42 26.49
CA PRO B 274 22.28 16.72 26.72
C PRO B 274 22.14 17.57 25.45
N GLU B 275 22.12 18.88 25.61
CA GLU B 275 21.91 19.81 24.53
C GLU B 275 23.06 19.74 23.52
N GLN B 276 22.75 19.61 22.23
CA GLN B 276 23.76 19.64 21.15
C GLN B 276 23.19 20.48 20.00
N GLU B 277 24.06 20.82 19.04
CA GLU B 277 23.65 21.59 17.86
C GLU B 277 22.98 20.78 16.78
N GLU B 278 23.25 19.47 16.80
CA GLU B 278 22.75 18.53 15.86
C GLU B 278 22.87 17.18 16.52
N TYR B 279 22.02 16.25 16.09
CA TYR B 279 21.99 14.90 16.65
C TYR B 279 21.92 13.82 15.61
N VAL B 280 22.67 12.76 15.82
CA VAL B 280 22.53 11.53 15.07
C VAL B 280 22.66 10.39 16.06
N GLY B 281 21.84 9.37 15.95
CA GLY B 281 21.91 8.26 16.88
C GLY B 281 20.87 7.22 16.60
N LYS B 282 20.71 6.29 17.53
CA LYS B 282 19.72 5.25 17.46
C LYS B 282 18.84 5.49 18.63
N THR B 283 17.56 5.25 18.45
CA THR B 283 16.64 5.38 19.55
C THR B 283 15.99 4.07 19.90
N ASP B 284 16.02 3.75 21.19
CA ASP B 284 15.33 2.61 21.81
C ASP B 284 14.04 3.01 22.52
N LEU B 285 13.73 4.30 22.54
CA LEU B 285 12.71 4.84 23.47
C LEU B 285 11.38 4.19 23.23
N PHE B 286 10.77 3.65 24.30
CA PHE B 286 9.47 3.05 24.23
C PHE B 286 8.46 3.94 24.97
N ILE B 287 7.49 4.51 24.26
CA ILE B 287 6.55 5.46 24.77
C ILE B 287 5.22 4.73 25.05
N TYR B 288 4.79 4.82 26.30
CA TYR B 288 3.64 4.09 26.82
C TYR B 288 3.03 4.97 27.91
N PRO B 289 1.70 4.96 28.09
CA PRO B 289 1.06 5.90 29.05
C PRO B 289 1.37 5.52 30.50
N PRO B 290 1.56 6.46 31.42
CA PRO B 290 1.59 7.88 31.16
C PRO B 290 2.96 8.37 30.68
N PHE B 291 2.99 9.34 29.79
CA PHE B 291 4.28 9.85 29.28
C PHE B 291 4.22 11.37 29.14
N GLU B 292 5.30 12.06 29.52
CA GLU B 292 5.41 13.50 29.41
C GLU B 292 6.17 13.88 28.13
N PHE B 293 5.48 14.61 27.25
CA PHE B 293 6.06 15.01 25.99
C PHE B 293 6.78 16.34 26.19
N LYS B 294 8.11 16.31 26.10
CA LYS B 294 8.93 17.47 26.33
C LYS B 294 9.09 18.38 25.12
N LEU B 295 8.97 17.85 23.93
CA LEU B 295 9.16 18.68 22.74
C LEU B 295 7.92 18.75 21.86
N VAL B 296 7.12 17.73 21.88
CA VAL B 296 5.97 17.70 20.95
C VAL B 296 4.71 18.32 21.56
N ASP B 297 4.19 19.40 20.97
CA ASP B 297 2.98 20.09 21.48
C ASP B 297 1.67 19.61 20.86
N ALA B 298 1.78 19.02 19.68
CA ALA B 298 0.64 18.51 18.91
C ALA B 298 1.12 17.43 17.98
N LEU B 299 0.20 16.60 17.48
CA LEU B 299 0.61 15.38 16.76
C LEU B 299 -0.37 15.09 15.61
N VAL B 300 0.15 14.97 14.38
CA VAL B 300 -0.65 14.38 13.25
C VAL B 300 -0.19 12.95 13.00
N THR B 301 -1.14 12.04 12.93
CA THR B 301 -0.83 10.64 12.81
C THR B 301 -2.00 9.84 12.21
N ASN B 302 -1.72 8.63 11.75
CA ASN B 302 -2.76 7.74 11.22
C ASN B 302 -3.54 7.07 12.32
N PHE B 303 -4.57 6.33 11.93
CA PHE B 303 -5.31 5.43 12.82
C PHE B 303 -4.59 4.09 12.89
N HIS B 304 -4.19 3.69 14.09
CA HIS B 304 -3.33 2.52 14.26
C HIS B 304 -4.14 1.29 14.62
N LEU B 305 -3.54 0.12 14.51
CA LEU B 305 -4.26 -1.13 14.67
C LEU B 305 -4.41 -1.49 16.14
N PRO B 306 -5.44 -2.29 16.46
CA PRO B 306 -5.60 -2.85 17.78
C PRO B 306 -4.32 -3.43 18.31
N ARG B 307 -4.03 -3.09 19.57
CA ARG B 307 -2.88 -3.64 20.27
C ARG B 307 -1.54 -3.19 19.72
N SER B 308 -1.48 -2.24 18.78
CA SER B 308 -0.16 -1.89 18.22
C SER B 308 0.61 -1.03 19.21
N THR B 309 1.93 -1.06 19.12
CA THR B 309 2.72 -0.12 19.91
C THR B 309 2.50 1.31 19.47
N LEU B 310 2.11 1.55 18.21
CA LEU B 310 1.80 2.91 17.79
C LEU B 310 0.55 3.47 18.49
N LEU B 311 -0.44 2.62 18.69
CA LEU B 311 -1.63 3.00 19.44
C LEU B 311 -1.25 3.31 20.89
N MET B 312 -0.34 2.54 21.45
CA MET B 312 0.13 2.82 22.81
C MET B 312 0.82 4.21 22.90
N LEU B 313 1.59 4.57 21.88
CA LEU B 313 2.26 5.89 21.87
C LEU B 313 1.21 7.00 21.78
N VAL B 314 0.26 6.90 20.87
CA VAL B 314 -0.76 7.91 20.74
C VAL B 314 -1.62 8.01 22.00
N ALA B 315 -1.91 6.89 22.64
CA ALA B 315 -2.62 6.89 23.90
C ALA B 315 -1.83 7.67 24.97
N ALA B 316 -0.52 7.52 24.98
CA ALA B 316 0.28 8.28 25.93
C ALA B 316 0.10 9.76 25.61
N PHE B 317 0.02 10.10 24.32
CA PHE B 317 0.00 11.52 23.93
C PHE B 317 -1.35 12.20 24.26
N ALA B 318 -2.43 11.49 23.96
CA ALA B 318 -3.79 12.00 24.07
C ALA B 318 -4.47 11.66 25.39
N GLY B 319 -4.00 10.64 26.10
CA GLY B 319 -4.71 10.10 27.25
C GLY B 319 -5.36 8.81 26.82
N LYS B 320 -5.17 7.73 27.57
CA LYS B 320 -5.65 6.42 27.10
C LYS B 320 -7.16 6.33 26.93
N ASP B 321 -7.92 6.74 27.93
CA ASP B 321 -9.37 6.63 27.81
C ASP B 321 -9.91 7.53 26.69
N PHE B 322 -9.33 8.72 26.53
CA PHE B 322 -9.78 9.66 25.50
C PHE B 322 -9.47 9.07 24.12
N VAL B 323 -8.27 8.53 23.90
CA VAL B 323 -7.95 8.04 22.58
C VAL B 323 -8.79 6.80 22.26
N MET B 324 -9.05 5.97 23.27
CA MET B 324 -9.92 4.78 23.03
C MET B 324 -11.36 5.18 22.70
N GLU B 325 -11.89 6.21 23.35
CA GLU B 325 -13.20 6.78 23.00
C GLU B 325 -13.18 7.29 21.54
N ALA B 326 -12.13 8.01 21.17
CA ALA B 326 -11.96 8.51 19.78
C ALA B 326 -11.93 7.38 18.75
N TYR B 327 -11.21 6.31 19.07
CA TYR B 327 -11.14 5.17 18.15
C TYR B 327 -12.48 4.43 18.02
N ARG B 328 -13.23 4.35 19.13
CA ARG B 328 -14.57 3.75 19.03
C ARG B 328 -15.48 4.59 18.14
N GLU B 329 -15.41 5.93 18.27
CA GLU B 329 -16.13 6.84 17.38
C GLU B 329 -15.70 6.74 15.91
N ALA B 330 -14.40 6.54 15.68
CA ALA B 330 -13.92 6.36 14.31
C ALA B 330 -14.50 5.12 13.64
N VAL B 331 -14.54 4.00 14.36
CA VAL B 331 -15.13 2.77 13.83
C VAL B 331 -16.61 2.99 13.56
N LYS B 332 -17.30 3.63 14.51
CA LYS B 332 -18.73 3.87 14.38
C LYS B 332 -18.98 4.72 13.17
N ARG B 333 -18.15 5.73 12.94
CA ARG B 333 -18.34 6.59 11.78
C ARG B 333 -17.68 6.11 10.51
N ARG B 334 -17.04 4.94 10.56
CA ARG B 334 -16.53 4.27 9.37
C ARG B 334 -15.32 5.01 8.79
N TYR B 335 -14.48 5.56 9.67
CA TYR B 335 -13.20 6.08 9.21
C TYR B 335 -12.41 4.93 8.60
N ARG B 336 -11.44 5.28 7.77
CA ARG B 336 -10.49 4.31 7.26
C ARG B 336 -9.19 4.34 8.05
N PHE B 337 -8.64 3.14 8.26
CA PHE B 337 -7.54 2.89 9.17
C PHE B 337 -6.26 2.44 8.47
N PHE B 338 -5.17 2.57 9.19
CA PHE B 338 -3.86 2.12 8.77
C PHE B 338 -3.25 3.06 7.77
N SER B 339 -2.18 2.61 7.14
CA SER B 339 -1.29 3.44 6.37
C SER B 339 -1.88 4.30 5.24
N PHE B 340 -2.97 3.84 4.62
CA PHE B 340 -3.58 4.55 3.48
C PHE B 340 -4.91 5.14 3.86
N GLY B 341 -5.21 5.11 5.17
CA GLY B 341 -6.47 5.61 5.72
C GLY B 341 -6.47 7.07 6.12
N ASP B 342 -7.32 7.38 7.08
CA ASP B 342 -7.57 8.74 7.46
C ASP B 342 -6.52 9.18 8.52
N ALA B 343 -6.67 10.41 8.98
CA ALA B 343 -5.73 11.01 9.95
C ALA B 343 -6.43 11.53 11.23
N MET B 344 -5.60 11.70 12.26
CA MET B 344 -5.96 12.30 13.56
C MET B 344 -4.97 13.43 13.87
N LEU B 345 -5.50 14.57 14.30
CA LEU B 345 -4.75 15.70 14.88
C LEU B 345 -5.10 15.75 16.37
N ILE B 346 -4.08 15.63 17.20
CA ILE B 346 -4.21 15.75 18.62
C ILE B 346 -3.54 17.03 19.03
N LEU B 347 -4.35 17.94 19.60
CA LEU B 347 -3.89 19.26 20.12
C LEU B 347 -3.83 19.28 21.66
#